data_5HM1
#
_entry.id   5HM1
#
_cell.length_a   37.950
_cell.length_b   121.260
_cell.length_c   132.210
_cell.angle_alpha   90.00
_cell.angle_beta   90.00
_cell.angle_gamma   90.00
#
_symmetry.space_group_name_H-M   'P 2 21 21'
#
loop_
_entity.id
_entity.type
_entity.pdbx_description
1 polymer 'lama VHH antibody 2E7'
2 polymer gp41
#
loop_
_entity_poly.entity_id
_entity_poly.type
_entity_poly.pdbx_seq_one_letter_code
_entity_poly.pdbx_strand_id
1 'polypeptide(L)'
;DVQLQESGGGLVQPGGSLRLSCAASGNIVSIDAAGWFRQAPGKQREPVATILTGGATNYADSVKGRFTISRDNAKNTVYL
QMNSLKPEDTAVYYCYAPMIYYGGRYSDYWGQGTQVTVS
;
A,B,C
2 'polypeptide(L)' AVERYLKDQQLLGIW D,E,F
#
# COMPACT_ATOMS: atom_id res chain seq x y z
N ASP A 1 8.91 -23.27 -26.85
CA ASP A 1 8.41 -22.02 -27.42
C ASP A 1 8.40 -20.91 -26.37
N VAL A 2 7.82 -19.76 -26.72
CA VAL A 2 7.74 -18.64 -25.79
C VAL A 2 6.50 -18.61 -24.89
N GLN A 3 6.71 -18.04 -23.72
CA GLN A 3 5.72 -17.84 -22.66
C GLN A 3 5.76 -16.43 -22.09
N LEU A 4 4.77 -15.63 -22.41
CA LEU A 4 4.71 -14.28 -21.88
C LEU A 4 4.38 -14.36 -20.40
N GLN A 5 4.99 -13.43 -19.68
CA GLN A 5 4.95 -13.37 -18.22
C GLN A 5 4.77 -11.94 -17.72
N GLU A 6 3.60 -11.71 -17.13
CA GLU A 6 3.26 -10.44 -16.53
C GLU A 6 3.81 -10.39 -15.10
N SER A 7 3.99 -9.18 -14.56
CA SER A 7 4.52 -9.02 -13.21
C SER A 7 4.38 -7.58 -12.75
N GLY A 8 4.36 -7.36 -11.45
CA GLY A 8 4.30 -6.00 -10.94
C GLY A 8 2.91 -5.74 -10.40
N GLY A 9 2.08 -6.77 -10.42
CA GLY A 9 0.72 -6.67 -9.93
C GLY A 9 0.69 -6.68 -8.43
N GLY A 10 -0.46 -7.01 -7.85
CA GLY A 10 -0.49 -7.11 -6.41
C GLY A 10 -1.49 -6.17 -5.79
N LEU A 11 -1.29 -5.98 -4.49
CA LEU A 11 -2.18 -5.20 -3.65
C LEU A 11 -1.71 -3.76 -3.65
N VAL A 12 -2.66 -2.84 -3.56
CA VAL A 12 -2.32 -1.43 -3.60
C VAL A 12 -3.52 -0.73 -3.00
N GLN A 13 -3.28 0.40 -2.37
CA GLN A 13 -4.34 1.16 -1.75
C GLN A 13 -5.04 2.04 -2.79
N PRO A 14 -6.29 2.43 -2.52
CA PRO A 14 -6.97 3.40 -3.39
C PRO A 14 -6.18 4.70 -3.51
N GLY A 15 -5.99 5.19 -4.73
CA GLY A 15 -5.15 6.36 -4.92
C GLY A 15 -3.71 5.98 -5.20
N GLY A 16 -3.41 4.70 -5.04
CA GLY A 16 -2.05 4.22 -5.21
C GLY A 16 -1.60 4.13 -6.65
N SER A 17 -0.50 3.42 -6.88
CA SER A 17 0.10 3.32 -8.20
C SER A 17 0.80 1.98 -8.40
N LEU A 18 0.80 1.49 -9.63
CA LEU A 18 1.48 0.24 -9.94
C LEU A 18 2.07 0.32 -11.33
N ARG A 19 3.08 -0.50 -11.61
CA ARG A 19 3.64 -0.57 -12.95
C ARG A 19 3.78 -2.03 -13.34
N LEU A 20 2.96 -2.46 -14.28
CA LEU A 20 3.01 -3.82 -14.76
C LEU A 20 4.00 -3.96 -15.89
N SER A 21 4.70 -5.08 -15.90
CA SER A 21 5.65 -5.42 -16.93
C SER A 21 5.25 -6.73 -17.56
N CYS A 22 5.64 -6.90 -18.80
CA CYS A 22 5.33 -8.10 -19.54
C CYS A 22 6.49 -8.46 -20.44
N ALA A 23 6.92 -9.71 -20.36
CA ALA A 23 8.09 -10.12 -21.12
C ALA A 23 8.14 -11.62 -21.39
N ALA A 24 8.90 -11.98 -22.40
CA ALA A 24 9.16 -13.37 -22.76
C ALA A 24 10.22 -13.97 -21.85
N SER A 25 9.90 -15.07 -21.19
CA SER A 25 10.85 -15.73 -20.31
C SER A 25 12.13 -16.03 -21.11
N GLY A 26 13.23 -15.42 -20.69
CA GLY A 26 14.53 -15.57 -21.31
C GLY A 26 14.92 -14.61 -22.44
N ASN A 27 14.09 -13.61 -22.71
CA ASN A 27 14.33 -12.59 -23.73
C ASN A 27 14.66 -13.12 -25.15
N ILE A 28 14.18 -14.32 -25.45
CA ILE A 28 14.45 -15.02 -26.71
C ILE A 28 13.76 -14.51 -28.00
N VAL A 29 12.98 -13.43 -27.90
CA VAL A 29 12.13 -12.94 -29.00
C VAL A 29 11.77 -11.49 -28.75
N SER A 30 11.75 -10.67 -29.80
CA SER A 30 11.44 -9.27 -29.57
C SER A 30 9.95 -8.97 -29.66
N ILE A 31 9.55 -7.98 -28.88
CA ILE A 31 8.17 -7.54 -28.84
C ILE A 31 8.08 -6.08 -29.29
N ASP A 32 7.67 -5.89 -30.54
CA ASP A 32 7.64 -4.57 -31.16
C ASP A 32 6.31 -3.83 -30.99
N ALA A 33 5.31 -4.55 -30.50
CA ALA A 33 3.98 -3.98 -30.30
C ALA A 33 3.11 -4.90 -29.46
N ALA A 34 2.21 -4.33 -28.66
CA ALA A 34 1.42 -5.14 -27.74
C ALA A 34 0.28 -4.37 -27.10
N GLY A 35 -0.55 -5.07 -26.33
CA GLY A 35 -1.65 -4.44 -25.64
C GLY A 35 -2.04 -5.10 -24.33
N TRP A 36 -2.74 -4.34 -23.48
CA TRP A 36 -3.19 -4.84 -22.19
C TRP A 36 -4.71 -4.99 -22.13
N PHE A 37 -5.17 -6.16 -21.66
CA PHE A 37 -6.58 -6.41 -21.38
C PHE A 37 -6.78 -6.52 -19.87
N ARG A 38 -8.00 -6.34 -19.37
CA ARG A 38 -8.33 -6.63 -17.97
C ARG A 38 -9.68 -7.32 -17.81
N GLN A 39 -9.84 -8.08 -16.72
CA GLN A 39 -11.06 -8.82 -16.50
C GLN A 39 -11.44 -8.62 -15.03
N ALA A 40 -12.53 -7.87 -14.86
CA ALA A 40 -13.18 -7.59 -13.59
C ALA A 40 -13.86 -8.83 -13.01
N PRO A 41 -14.23 -8.80 -11.71
CA PRO A 41 -14.78 -10.00 -11.06
C PRO A 41 -15.97 -10.66 -11.79
N GLY A 42 -16.99 -9.89 -12.15
CA GLY A 42 -18.19 -10.46 -12.77
C GLY A 42 -18.47 -9.94 -14.17
N LYS A 43 -17.46 -9.33 -14.77
CA LYS A 43 -17.59 -8.72 -16.09
C LYS A 43 -16.85 -9.37 -17.25
N GLN A 44 -16.94 -8.68 -18.39
CA GLN A 44 -16.40 -9.10 -19.67
C GLN A 44 -14.98 -8.59 -19.82
N ARG A 45 -14.12 -9.40 -20.43
CA ARG A 45 -12.77 -8.97 -20.73
C ARG A 45 -12.85 -7.77 -21.64
N GLU A 46 -12.05 -6.75 -21.36
CA GLU A 46 -12.11 -5.52 -22.14
C GLU A 46 -10.69 -5.09 -22.46
N PRO A 47 -10.52 -4.38 -23.57
CA PRO A 47 -9.20 -3.84 -23.84
C PRO A 47 -8.89 -2.68 -22.91
N VAL A 48 -7.61 -2.48 -22.59
CA VAL A 48 -7.22 -1.42 -21.68
C VAL A 48 -6.29 -0.49 -22.41
N ALA A 49 -5.27 -1.04 -23.04
CA ALA A 49 -4.34 -0.16 -23.76
C ALA A 49 -3.62 -0.85 -24.90
N THR A 50 -2.98 -0.06 -25.76
CA THR A 50 -2.34 -0.58 -26.98
C THR A 50 -1.19 0.32 -27.40
N ILE A 51 -0.17 -0.32 -27.94
CA ILE A 51 0.97 0.36 -28.55
C ILE A 51 1.44 -0.39 -29.78
N LEU A 52 1.49 0.34 -30.89
CA LEU A 52 1.82 -0.22 -32.19
C LEU A 52 3.32 -0.25 -32.42
N THR A 53 3.72 -0.71 -33.61
CA THR A 53 5.12 -0.78 -33.97
C THR A 53 5.70 0.62 -34.13
N GLY A 54 4.86 1.55 -34.59
CA GLY A 54 5.26 2.92 -34.79
C GLY A 54 5.43 3.71 -33.51
N GLY A 55 4.76 3.27 -32.45
CA GLY A 55 4.81 3.98 -31.19
C GLY A 55 3.47 4.57 -30.78
N ALA A 56 2.51 4.54 -31.71
CA ALA A 56 1.18 5.11 -31.47
C ALA A 56 0.47 4.40 -30.34
N THR A 57 -0.18 5.16 -29.46
CA THR A 57 -0.83 4.57 -28.30
C THR A 57 -2.31 4.89 -28.18
N ASN A 58 -3.11 3.89 -27.81
CA ASN A 58 -4.52 4.13 -27.54
C ASN A 58 -4.99 3.51 -26.22
N TYR A 59 -5.94 4.18 -25.56
CA TYR A 59 -6.42 3.71 -24.28
C TYR A 59 -7.94 3.66 -24.24
N ALA A 60 -8.49 2.84 -23.35
CA ALA A 60 -9.92 2.84 -23.08
C ALA A 60 -10.32 4.17 -22.44
N ASP A 61 -11.59 4.54 -22.53
CA ASP A 61 -12.07 5.85 -22.07
C ASP A 61 -11.99 5.98 -20.54
N SER A 62 -12.07 4.84 -19.86
CA SER A 62 -12.13 4.80 -18.39
C SER A 62 -10.74 4.84 -17.75
N VAL A 63 -9.71 4.91 -18.58
CA VAL A 63 -8.32 4.91 -18.10
C VAL A 63 -7.46 6.04 -18.68
N LYS A 64 -7.98 6.80 -19.64
CA LYS A 64 -7.18 7.88 -20.25
C LYS A 64 -6.87 8.95 -19.22
N GLY A 65 -5.62 9.40 -19.21
CA GLY A 65 -5.14 10.32 -18.19
C GLY A 65 -4.48 9.61 -17.03
N ARG A 66 -4.87 8.36 -16.80
CA ARG A 66 -4.36 7.60 -15.66
C ARG A 66 -3.31 6.55 -16.04
N PHE A 67 -3.54 5.82 -17.13
CA PHE A 67 -2.59 4.78 -17.53
C PHE A 67 -1.65 5.24 -18.64
N THR A 68 -0.48 4.60 -18.70
CA THR A 68 0.50 4.86 -19.76
C THR A 68 1.15 3.56 -20.20
N ILE A 69 1.08 3.26 -21.50
CA ILE A 69 1.75 2.08 -22.04
C ILE A 69 3.07 2.49 -22.68
N SER A 70 4.06 1.60 -22.64
CA SER A 70 5.39 1.94 -23.16
C SER A 70 6.22 0.68 -23.32
N ARG A 71 7.39 0.75 -23.96
CA ARG A 71 8.19 -0.46 -24.10
C ARG A 71 9.69 -0.23 -24.01
N ASP A 72 10.42 -1.13 -23.38
CA ASP A 72 11.86 -0.94 -23.43
C ASP A 72 12.27 -2.00 -24.45
N ASN A 73 12.61 -1.51 -25.63
CA ASN A 73 13.03 -2.29 -26.78
C ASN A 73 14.32 -3.09 -26.57
N ALA A 74 15.23 -2.58 -25.75
CA ALA A 74 16.45 -3.32 -25.45
C ALA A 74 16.24 -4.56 -24.58
N LYS A 75 15.11 -4.65 -23.90
CA LYS A 75 14.88 -5.83 -23.06
C LYS A 75 13.56 -6.48 -23.45
N ASN A 76 13.09 -6.18 -24.65
CA ASN A 76 11.83 -6.72 -25.16
C ASN A 76 10.74 -6.76 -24.08
N THR A 77 10.57 -5.68 -23.34
CA THR A 77 9.54 -5.65 -22.29
C THR A 77 8.51 -4.57 -22.59
N VAL A 78 7.26 -4.84 -22.26
CA VAL A 78 6.27 -3.77 -22.35
C VAL A 78 5.70 -3.44 -20.97
N TYR A 79 5.52 -2.14 -20.72
CA TYR A 79 5.06 -1.64 -19.44
C TYR A 79 3.68 -1.00 -19.51
N LEU A 80 2.96 -1.12 -18.41
CA LEU A 80 1.73 -0.40 -18.13
C LEU A 80 1.78 0.34 -16.78
N GLN A 81 2.03 1.65 -16.84
CA GLN A 81 1.99 2.50 -15.66
C GLN A 81 0.53 2.80 -15.32
N MET A 82 0.15 2.53 -14.07
CA MET A 82 -1.22 2.69 -13.60
C MET A 82 -1.26 3.65 -12.41
N ASN A 83 -1.78 4.85 -12.64
CA ASN A 83 -1.91 5.86 -11.60
C ASN A 83 -3.34 6.20 -11.18
N SER A 84 -3.49 6.68 -9.95
CA SER A 84 -4.79 7.07 -9.41
C SER A 84 -5.79 5.93 -9.48
N LEU A 85 -5.40 4.77 -8.99
CA LEU A 85 -6.27 3.60 -8.95
C LEU A 85 -7.56 3.87 -8.18
N LYS A 86 -8.61 3.16 -8.57
CA LYS A 86 -9.90 3.17 -7.88
C LYS A 86 -10.44 1.75 -7.98
N PRO A 87 -11.40 1.37 -7.11
CA PRO A 87 -11.76 -0.05 -6.96
C PRO A 87 -12.28 -0.65 -8.27
N GLU A 88 -12.64 0.21 -9.22
CA GLU A 88 -13.08 -0.25 -10.51
C GLU A 88 -11.93 -0.87 -11.29
N ASP A 89 -10.70 -0.58 -10.86
CA ASP A 89 -9.51 -1.10 -11.52
C ASP A 89 -9.13 -2.49 -11.01
N THR A 90 -9.83 -2.96 -9.99
CA THR A 90 -9.56 -4.29 -9.43
C THR A 90 -9.87 -5.33 -10.50
N ALA A 91 -8.86 -6.10 -10.91
CA ALA A 91 -9.07 -7.05 -11.99
C ALA A 91 -7.86 -7.96 -12.24
N VAL A 92 -8.04 -8.92 -13.14
CA VAL A 92 -6.90 -9.69 -13.64
C VAL A 92 -6.44 -9.10 -14.98
N TYR A 93 -5.17 -8.73 -15.05
CA TYR A 93 -4.65 -8.05 -16.22
C TYR A 93 -3.85 -9.00 -17.11
N TYR A 94 -4.17 -9.00 -18.39
CA TYR A 94 -3.52 -9.89 -19.35
C TYR A 94 -2.68 -9.11 -20.36
N CYS A 95 -1.63 -9.76 -20.85
CA CYS A 95 -0.73 -9.19 -21.85
C CYS A 95 -0.88 -9.86 -23.22
N TYR A 96 -1.02 -9.06 -24.27
CA TYR A 96 -1.22 -9.64 -25.60
C TYR A 96 -0.12 -9.14 -26.55
N ALA A 97 0.59 -10.08 -27.15
CA ALA A 97 1.67 -9.78 -28.08
C ALA A 97 1.45 -10.50 -29.40
N PRO A 98 0.99 -9.78 -30.43
CA PRO A 98 0.65 -10.37 -31.73
C PRO A 98 1.84 -10.66 -32.65
N MET A 99 1.70 -11.72 -33.45
CA MET A 99 2.62 -12.05 -34.55
C MET A 99 4.09 -12.06 -34.11
N ILE A 100 4.37 -12.89 -33.12
CA ILE A 100 5.73 -13.13 -32.65
C ILE A 100 6.36 -14.30 -33.40
N TYR A 101 7.55 -14.05 -33.94
CA TYR A 101 8.28 -15.06 -34.69
C TYR A 101 9.09 -15.96 -33.76
N TYR A 102 8.92 -17.26 -33.95
CA TYR A 102 9.67 -18.26 -33.19
C TYR A 102 9.62 -19.63 -33.86
N GLY A 103 10.81 -20.23 -33.96
CA GLY A 103 10.98 -21.57 -34.48
C GLY A 103 10.32 -21.69 -35.83
N GLY A 104 10.63 -20.77 -36.73
CA GLY A 104 10.15 -20.89 -38.09
C GLY A 104 8.73 -20.38 -38.30
N ARG A 105 8.06 -19.88 -37.26
CA ARG A 105 6.66 -19.47 -37.45
C ARG A 105 6.20 -18.30 -36.59
N TYR A 106 5.37 -17.44 -37.19
CA TYR A 106 4.63 -16.41 -36.46
C TYR A 106 3.46 -16.95 -35.65
N SER A 107 3.13 -16.27 -34.55
CA SER A 107 2.02 -16.69 -33.68
C SER A 107 1.63 -15.59 -32.68
N ASP A 108 0.36 -15.53 -32.30
CA ASP A 108 -0.05 -14.63 -31.22
C ASP A 108 0.18 -15.27 -29.86
N TYR A 109 0.54 -14.46 -28.87
CA TYR A 109 0.81 -15.00 -27.55
C TYR A 109 0.11 -14.23 -26.43
N TRP A 110 -0.31 -14.97 -25.41
CA TRP A 110 -0.98 -14.45 -24.22
C TRP A 110 -0.21 -14.82 -22.95
N GLY A 111 -0.27 -13.93 -21.97
CA GLY A 111 0.22 -14.21 -20.62
C GLY A 111 -0.87 -14.87 -19.79
N GLN A 112 -0.48 -15.53 -18.71
CA GLN A 112 -1.44 -16.28 -17.91
C GLN A 112 -2.24 -15.35 -17.01
N GLY A 113 -1.79 -14.11 -16.91
CA GLY A 113 -2.52 -13.07 -16.20
C GLY A 113 -1.83 -12.65 -14.91
N THR A 114 -2.23 -11.50 -14.38
CA THR A 114 -1.72 -11.06 -13.09
C THR A 114 -2.79 -10.34 -12.28
N GLN A 115 -2.89 -10.67 -10.99
CA GLN A 115 -3.93 -10.11 -10.15
C GLN A 115 -3.59 -8.68 -9.75
N VAL A 116 -4.58 -7.81 -9.80
CA VAL A 116 -4.44 -6.45 -9.28
C VAL A 116 -5.61 -6.14 -8.37
N THR A 117 -5.29 -5.76 -7.13
CA THR A 117 -6.34 -5.46 -6.16
C THR A 117 -6.20 -4.08 -5.50
N VAL A 118 -7.32 -3.38 -5.48
CA VAL A 118 -7.43 -2.05 -4.90
C VAL A 118 -8.52 -2.05 -3.83
N SER A 119 -8.11 -2.13 -2.56
CA SER A 119 -9.07 -2.24 -1.47
C SER A 119 -9.06 -1.00 -0.60
N ALA B 1 7.84 -4.62 -42.97
CA ALA B 1 7.01 -3.57 -43.57
C ALA B 1 5.54 -3.99 -43.62
N VAL B 2 5.30 -5.13 -44.25
CA VAL B 2 3.96 -5.72 -44.30
C VAL B 2 3.61 -6.34 -42.95
N GLU B 3 4.62 -6.93 -42.32
CA GLU B 3 4.50 -7.55 -41.01
C GLU B 3 4.11 -6.51 -39.97
N ARG B 4 4.69 -5.32 -40.11
CA ARG B 4 4.40 -4.19 -39.24
C ARG B 4 2.92 -3.85 -39.34
N TYR B 5 2.48 -3.72 -40.58
CA TYR B 5 1.09 -3.44 -40.88
C TYR B 5 0.18 -4.47 -40.22
N LEU B 6 0.52 -5.74 -40.37
CA LEU B 6 -0.27 -6.81 -39.78
C LEU B 6 -0.39 -6.70 -38.26
N LYS B 7 0.75 -6.58 -37.58
CA LYS B 7 0.77 -6.41 -36.12
C LYS B 7 -0.14 -5.26 -35.69
N ASP B 8 0.08 -4.09 -36.30
CA ASP B 8 -0.71 -2.92 -35.95
C ASP B 8 -2.19 -3.14 -36.21
N GLN B 9 -2.54 -3.84 -37.28
CA GLN B 9 -3.94 -4.03 -37.61
C GLN B 9 -4.59 -5.00 -36.63
N GLN B 10 -3.80 -5.96 -36.15
CA GLN B 10 -4.28 -6.85 -35.10
C GLN B 10 -4.62 -6.04 -33.86
N LEU B 11 -3.78 -5.07 -33.54
CA LEU B 11 -4.00 -4.26 -32.33
C LEU B 11 -5.14 -3.25 -32.46
N LEU B 12 -5.29 -2.68 -33.64
CA LEU B 12 -6.31 -1.66 -33.90
C LEU B 12 -7.70 -2.28 -34.03
N GLY B 13 -7.74 -3.56 -34.38
CA GLY B 13 -8.98 -4.28 -34.54
C GLY B 13 -9.64 -4.45 -33.19
N ILE B 14 -8.82 -4.61 -32.15
CA ILE B 14 -9.27 -4.78 -30.77
C ILE B 14 -10.35 -3.77 -30.36
N TRP B 15 -10.22 -2.52 -30.81
CA TRP B 15 -11.19 -1.48 -30.45
C TRP B 15 -12.45 -1.61 -31.29
N ASP C 1 -4.61 5.56 25.37
CA ASP C 1 -4.43 6.96 25.01
C ASP C 1 -4.56 7.08 23.49
N VAL C 2 -4.31 8.25 22.90
CA VAL C 2 -4.40 8.35 21.45
C VAL C 2 -3.07 8.05 20.73
N GLN C 3 -3.19 7.50 19.53
CA GLN C 3 -2.05 7.16 18.67
C GLN C 3 -2.21 7.56 17.20
N LEU C 4 -1.54 8.61 16.72
CA LEU C 4 -1.72 8.87 15.29
C LEU C 4 -0.92 7.81 14.50
N GLN C 5 -1.50 7.39 13.39
CA GLN C 5 -0.97 6.31 12.57
C GLN C 5 -1.09 6.63 11.07
N GLU C 6 0.05 6.81 10.42
CA GLU C 6 0.14 7.06 8.99
C GLU C 6 0.13 5.73 8.21
N SER C 7 -0.23 5.78 6.93
CA SER C 7 -0.30 4.57 6.11
C SER C 7 -0.46 4.92 4.63
N GLY C 8 -0.08 4.02 3.73
CA GLY C 8 -0.29 4.27 2.32
C GLY C 8 1.00 4.59 1.60
N GLY C 9 2.12 4.50 2.31
CA GLY C 9 3.41 4.77 1.73
C GLY C 9 3.90 3.65 0.84
N GLY C 10 5.21 3.63 0.61
CA GLY C 10 5.82 2.55 -0.13
C GLY C 10 6.57 3.00 -1.37
N LEU C 11 6.85 2.04 -2.24
CA LEU C 11 7.67 2.23 -3.43
C LEU C 11 6.78 2.60 -4.61
N VAL C 12 7.30 3.45 -5.50
CA VAL C 12 6.51 3.93 -6.64
C VAL C 12 7.47 4.46 -7.69
N GLN C 13 7.08 4.40 -8.97
CA GLN C 13 7.93 4.90 -10.03
C GLN C 13 7.77 6.41 -10.19
N PRO C 14 8.78 7.08 -10.79
CA PRO C 14 8.67 8.51 -11.10
C PRO C 14 7.47 8.79 -11.99
N GLY C 15 6.68 9.81 -11.66
CA GLY C 15 5.47 10.04 -12.41
C GLY C 15 4.30 9.32 -11.76
N GLY C 16 4.62 8.49 -10.77
CA GLY C 16 3.64 7.67 -10.09
C GLY C 16 2.70 8.36 -9.11
N SER C 17 2.05 7.57 -8.27
CA SER C 17 1.04 8.10 -7.35
C SER C 17 0.87 7.36 -6.02
N LEU C 18 0.54 8.12 -4.98
CA LEU C 18 0.31 7.57 -3.64
C LEU C 18 -0.79 8.31 -2.89
N ARG C 19 -1.37 7.64 -1.89
CA ARG C 19 -2.35 8.25 -1.01
C ARG C 19 -2.02 7.92 0.43
N LEU C 20 -1.57 8.95 1.16
CA LEU C 20 -1.28 8.76 2.57
C LEU C 20 -2.51 9.04 3.41
N SER C 21 -2.67 8.22 4.45
CA SER C 21 -3.75 8.37 5.40
C SER C 21 -3.18 8.55 6.78
N CYS C 22 -3.94 9.22 7.64
CA CYS C 22 -3.53 9.46 9.01
C CYS C 22 -4.74 9.40 9.92
N ALA C 23 -4.62 8.63 11.00
CA ALA C 23 -5.78 8.45 11.87
C ALA C 23 -5.44 8.04 13.30
N ALA C 24 -6.39 8.30 14.19
CA ALA C 24 -6.33 7.91 15.59
C ALA C 24 -6.70 6.44 15.81
N SER C 25 -5.81 5.69 16.45
CA SER C 25 -6.09 4.28 16.71
C SER C 25 -7.41 4.12 17.48
N GLY C 26 -8.36 3.45 16.82
CA GLY C 26 -9.67 3.18 17.37
C GLY C 26 -10.69 4.28 17.11
N ASN C 27 -10.29 5.29 16.34
CA ASN C 27 -11.18 6.42 15.99
C ASN C 27 -11.81 7.07 17.22
N ILE C 28 -11.13 6.95 18.35
CA ILE C 28 -11.61 7.44 19.64
C ILE C 28 -11.62 8.95 19.73
N VAL C 29 -11.24 9.60 18.64
CA VAL C 29 -11.05 11.04 18.67
C VAL C 29 -11.09 11.61 17.24
N SER C 30 -11.74 12.75 17.10
CA SER C 30 -11.87 13.39 15.79
C SER C 30 -10.72 14.35 15.50
N ILE C 31 -10.41 14.49 14.22
CA ILE C 31 -9.35 15.36 13.75
C ILE C 31 -9.95 16.44 12.87
N ASP C 32 -10.10 17.65 13.42
CA ASP C 32 -10.78 18.74 12.73
C ASP C 32 -9.86 19.59 11.86
N ALA C 33 -8.55 19.40 12.02
CA ALA C 33 -7.56 20.16 11.27
C ALA C 33 -6.20 19.52 11.45
N ALA C 34 -5.35 19.57 10.42
CA ALA C 34 -4.07 18.88 10.49
C ALA C 34 -3.11 19.23 9.35
N GLY C 35 -1.89 18.70 9.43
CA GLY C 35 -0.91 18.94 8.38
C GLY C 35 0.11 17.82 8.16
N TRP C 36 0.73 17.82 6.99
CA TRP C 36 1.74 16.84 6.63
C TRP C 36 3.14 17.46 6.51
N PHE C 37 4.10 16.81 7.16
CA PHE C 37 5.53 17.13 7.06
C PHE C 37 6.31 16.03 6.31
N ARG C 38 7.49 16.34 5.78
CA ARG C 38 8.38 15.30 5.25
C ARG C 38 9.85 15.51 5.61
N GLN C 39 10.61 14.40 5.68
CA GLN C 39 12.02 14.42 6.07
C GLN C 39 12.82 13.52 5.13
N ALA C 40 13.65 14.15 4.33
CA ALA C 40 14.58 13.46 3.44
C ALA C 40 15.68 12.80 4.27
N PRO C 41 16.45 11.86 3.66
CA PRO C 41 17.44 11.10 4.44
C PRO C 41 18.44 11.93 5.24
N GLY C 42 19.07 12.92 4.61
CA GLY C 42 20.07 13.69 5.31
C GLY C 42 19.73 15.16 5.41
N LYS C 43 18.46 15.50 5.16
CA LYS C 43 18.11 16.90 5.22
C LYS C 43 17.20 17.12 6.42
N GLN C 44 16.74 18.34 6.58
CA GLN C 44 15.92 18.77 7.70
C GLN C 44 14.43 18.65 7.40
N ARG C 45 13.60 18.29 8.37
CA ARG C 45 12.15 18.25 8.19
C ARG C 45 11.52 19.57 7.75
N GLU C 46 10.59 19.45 6.79
CA GLU C 46 9.93 20.60 6.18
C GLU C 46 8.42 20.32 6.09
N PRO C 47 7.61 21.38 6.11
CA PRO C 47 6.16 21.23 5.92
C PRO C 47 5.76 20.91 4.49
N VAL C 48 4.65 20.20 4.33
CA VAL C 48 4.19 19.81 3.01
C VAL C 48 2.80 20.36 2.78
N ALA C 49 1.90 20.13 3.72
CA ALA C 49 0.54 20.63 3.54
C ALA C 49 -0.22 20.87 4.83
N THR C 50 -1.35 21.57 4.72
CA THR C 50 -2.13 21.98 5.89
C THR C 50 -3.57 22.14 5.48
N ILE C 51 -4.47 21.80 6.40
CA ILE C 51 -5.90 22.00 6.23
C ILE C 51 -6.50 22.41 7.57
N LEU C 52 -7.18 23.55 7.54
CA LEU C 52 -7.76 24.16 8.73
C LEU C 52 -9.15 23.65 9.05
N THR C 53 -9.76 24.19 10.09
CA THR C 53 -11.09 23.79 10.49
C THR C 53 -12.11 24.23 9.45
N GLY C 54 -11.83 25.39 8.84
CA GLY C 54 -12.71 25.94 7.81
C GLY C 54 -12.63 25.20 6.50
N GLY C 55 -11.51 24.53 6.27
CA GLY C 55 -11.30 23.80 5.03
C GLY C 55 -10.18 24.35 4.16
N ALA C 56 -9.66 25.51 4.52
CA ALA C 56 -8.61 26.16 3.73
C ALA C 56 -7.37 25.28 3.70
N THR C 57 -6.74 25.17 2.53
CA THR C 57 -5.60 24.28 2.38
C THR C 57 -4.40 25.04 1.86
N ASN C 58 -3.23 24.74 2.41
CA ASN C 58 -2.00 25.34 1.89
C ASN C 58 -0.91 24.29 1.67
N TYR C 59 -0.11 24.51 0.63
CA TYR C 59 0.94 23.56 0.27
C TYR C 59 2.28 24.25 0.12
N ALA C 60 3.35 23.48 0.24
CA ALA C 60 4.67 23.98 -0.11
C ALA C 60 4.72 24.25 -1.61
N ASP C 61 5.63 25.10 -2.05
CA ASP C 61 5.67 25.50 -3.46
C ASP C 61 6.10 24.36 -4.38
N SER C 62 6.87 23.42 -3.85
CA SER C 62 7.43 22.33 -4.67
C SER C 62 6.49 21.14 -4.86
N VAL C 63 5.30 21.22 -4.28
CA VAL C 63 4.34 20.14 -4.37
C VAL C 63 3.00 20.71 -4.82
N LYS C 64 2.91 22.04 -4.87
CA LYS C 64 1.70 22.71 -5.21
C LYS C 64 1.41 22.43 -6.69
N GLY C 65 0.14 22.11 -6.95
CA GLY C 65 -0.26 21.64 -8.25
C GLY C 65 -0.24 20.11 -8.30
N ARG C 66 0.60 19.51 -7.46
CA ARG C 66 0.80 18.05 -7.45
C ARG C 66 0.11 17.34 -6.29
N PHE C 67 0.18 17.90 -5.09
CA PHE C 67 -0.45 17.27 -3.94
C PHE C 67 -1.80 17.87 -3.61
N THR C 68 -2.66 17.09 -2.97
CA THR C 68 -3.96 17.57 -2.51
C THR C 68 -4.26 16.98 -1.12
N ILE C 69 -4.50 17.83 -0.13
CA ILE C 69 -4.88 17.38 1.21
C ILE C 69 -6.40 17.45 1.43
N SER C 70 -6.94 16.53 2.23
CA SER C 70 -8.38 16.48 2.45
C SER C 70 -8.78 15.61 3.63
N ARG C 71 -10.06 15.65 4.01
CA ARG C 71 -10.49 14.81 5.13
C ARG C 71 -11.89 14.27 4.92
N ASP C 72 -12.14 13.01 5.30
CA ASP C 72 -13.49 12.49 5.25
C ASP C 72 -14.35 13.45 6.11
N ASN C 73 -15.64 13.57 5.81
CA ASN C 73 -16.56 14.44 6.56
C ASN C 73 -16.63 13.94 8.02
N ALA C 74 -16.46 12.65 8.24
CA ALA C 74 -16.48 12.14 9.61
C ALA C 74 -15.30 12.64 10.42
N LYS C 75 -14.25 13.14 9.76
CA LYS C 75 -13.06 13.68 10.45
C LYS C 75 -12.19 12.71 11.24
N ASN C 76 -12.26 11.42 10.94
CA ASN C 76 -11.44 10.48 11.67
C ASN C 76 -10.11 10.29 10.94
N THR C 77 -10.15 10.41 9.62
CA THR C 77 -8.95 10.25 8.78
C THR C 77 -8.60 11.50 7.98
N VAL C 78 -7.31 11.77 7.82
CA VAL C 78 -6.88 12.81 6.88
C VAL C 78 -6.05 12.21 5.76
N TYR C 79 -6.25 12.69 4.53
CA TYR C 79 -5.57 12.15 3.37
C TYR C 79 -4.62 13.17 2.72
N LEU C 80 -3.57 12.61 2.14
CA LEU C 80 -2.65 13.31 1.25
C LEU C 80 -2.48 12.61 -0.09
N GLN C 81 -3.18 13.11 -1.10
CA GLN C 81 -3.04 12.61 -2.47
C GLN C 81 -1.78 13.18 -3.10
N MET C 82 -0.95 12.28 -3.61
CA MET C 82 0.33 12.64 -4.20
C MET C 82 0.37 12.14 -5.64
N ASN C 83 0.29 13.08 -6.57
CA ASN C 83 0.36 12.77 -7.99
C ASN C 83 1.64 13.31 -8.61
N SER C 84 2.06 12.67 -9.70
CA SER C 84 3.27 13.07 -10.42
C SER C 84 4.48 13.11 -9.50
N LEU C 85 4.70 12.03 -8.75
CA LEU C 85 5.85 11.93 -7.87
C LEU C 85 7.16 12.06 -8.64
N LYS C 86 8.17 12.56 -7.95
CA LYS C 86 9.51 12.60 -8.51
C LYS C 86 10.47 12.32 -7.37
N PRO C 87 11.70 11.89 -7.69
CA PRO C 87 12.59 11.35 -6.65
C PRO C 87 12.91 12.36 -5.55
N GLU C 88 12.65 13.63 -5.83
CA GLU C 88 12.87 14.68 -4.84
C GLU C 88 11.84 14.55 -3.71
N ASP C 89 10.77 13.81 -3.99
CA ASP C 89 9.70 13.60 -3.02
C ASP C 89 10.00 12.43 -2.09
N THR C 90 11.09 11.72 -2.36
CA THR C 90 11.48 10.58 -1.53
C THR C 90 11.81 11.04 -0.12
N ALA C 91 11.05 10.53 0.85
CA ALA C 91 11.20 10.95 2.23
C ALA C 91 10.34 10.14 3.19
N VAL C 92 10.52 10.41 4.48
CA VAL C 92 9.61 9.89 5.48
C VAL C 92 8.58 10.96 5.82
N TYR C 93 7.29 10.61 5.67
CA TYR C 93 6.20 11.56 5.83
C TYR C 93 5.48 11.45 7.18
N TYR C 94 5.32 12.59 7.85
CA TYR C 94 4.70 12.67 9.17
C TYR C 94 3.36 13.42 9.22
N CYS C 95 2.53 13.03 10.18
CA CYS C 95 1.22 13.64 10.42
C CYS C 95 1.15 14.46 11.71
N TYR C 96 0.64 15.69 11.60
CA TYR C 96 0.58 16.59 12.76
C TYR C 96 -0.86 17.04 13.03
N ALA C 97 -1.32 16.79 14.25
CA ALA C 97 -2.69 17.14 14.68
C ALA C 97 -2.71 18.00 15.95
N PRO C 98 -2.98 19.30 15.81
CA PRO C 98 -2.94 20.18 16.99
C PRO C 98 -4.19 20.13 17.89
N MET C 99 -3.96 20.34 19.18
CA MET C 99 -4.99 20.55 20.20
C MET C 99 -6.13 19.50 20.24
N ILE C 100 -5.74 18.25 20.42
CA ILE C 100 -6.65 17.13 20.62
C ILE C 100 -6.95 16.89 22.11
N TYR C 101 -8.24 16.83 22.47
CA TYR C 101 -8.65 16.58 23.85
C TYR C 101 -8.69 15.09 24.18
N TYR C 102 -8.05 14.73 25.29
CA TYR C 102 -8.06 13.37 25.79
C TYR C 102 -7.63 13.37 27.26
N GLY C 103 -8.40 12.64 28.07
CA GLY C 103 -8.08 12.45 29.47
C GLY C 103 -7.89 13.75 30.20
N GLY C 104 -8.86 14.65 30.06
CA GLY C 104 -8.83 15.87 30.84
C GLY C 104 -7.96 16.96 30.25
N ARG C 105 -7.32 16.72 29.11
CA ARG C 105 -6.42 17.74 28.59
C ARG C 105 -6.30 17.83 27.07
N TYR C 106 -6.20 19.05 26.56
CA TYR C 106 -5.82 19.28 25.17
C TYR C 106 -4.32 19.02 25.01
N SER C 107 -3.92 18.58 23.81
CA SER C 107 -2.51 18.29 23.54
C SER C 107 -2.24 18.14 22.04
N ASP C 108 -1.03 18.49 21.60
CA ASP C 108 -0.61 18.22 20.21
C ASP C 108 -0.06 16.81 20.03
N TYR C 109 -0.31 16.24 18.85
CA TYR C 109 0.13 14.87 18.59
C TYR C 109 0.85 14.67 17.24
N TRP C 110 1.84 13.78 17.24
CA TRP C 110 2.62 13.40 16.05
C TRP C 110 2.51 11.91 15.74
N GLY C 111 2.54 11.58 14.44
CA GLY C 111 2.67 10.21 13.99
C GLY C 111 4.12 9.75 13.84
N GLN C 112 4.33 8.44 13.83
CA GLN C 112 5.69 7.90 13.79
C GLN C 112 6.32 7.93 12.40
N GLY C 113 5.51 8.19 11.38
CA GLY C 113 6.03 8.38 10.04
C GLY C 113 5.66 7.25 9.09
N THR C 114 5.80 7.50 7.80
CA THR C 114 5.58 6.46 6.79
C THR C 114 6.58 6.66 5.67
N GLN C 115 7.21 5.57 5.21
CA GLN C 115 8.24 5.69 4.19
C GLN C 115 7.63 5.92 2.81
N VAL C 116 8.22 6.83 2.04
CA VAL C 116 7.84 7.00 0.64
C VAL C 116 9.09 7.03 -0.23
N THR C 117 9.14 6.14 -1.23
CA THR C 117 10.30 6.08 -2.12
C THR C 117 9.91 6.13 -3.59
N VAL C 118 10.60 6.98 -4.34
CA VAL C 118 10.36 7.14 -5.77
C VAL C 118 11.62 6.89 -6.60
N SER C 119 11.75 5.69 -7.17
CA SER C 119 12.94 5.31 -7.91
C SER C 119 12.67 5.16 -9.40
N ALA D 1 -15.14 27.10 18.95
CA ALA D 1 -15.06 28.39 18.27
C ALA D 1 -13.70 29.05 18.49
N VAL D 2 -13.35 29.23 19.76
CA VAL D 2 -12.03 29.75 20.13
C VAL D 2 -11.00 28.66 19.91
N GLU D 3 -11.41 27.43 20.21
CA GLU D 3 -10.58 26.26 20.04
C GLU D 3 -10.24 26.06 18.56
N ARG D 4 -11.22 26.36 17.71
CA ARG D 4 -11.06 26.30 16.27
C ARG D 4 -9.97 27.27 15.84
N TYR D 5 -10.10 28.50 16.31
CA TYR D 5 -9.12 29.54 16.03
C TYR D 5 -7.71 29.12 16.44
N LEU D 6 -7.60 28.57 17.64
CA LEU D 6 -6.29 28.13 18.14
C LEU D 6 -5.69 27.08 17.21
N LYS D 7 -6.45 26.04 16.88
CA LYS D 7 -5.97 25.02 15.94
C LYS D 7 -5.47 25.62 14.62
N ASP D 8 -6.33 26.47 14.02
CA ASP D 8 -5.97 27.06 12.74
C ASP D 8 -4.70 27.89 12.86
N GLN D 9 -4.52 28.58 13.98
CA GLN D 9 -3.34 29.44 14.13
C GLN D 9 -2.08 28.59 14.32
N GLN D 10 -2.23 27.44 14.97
CA GLN D 10 -1.12 26.49 15.09
C GLN D 10 -0.68 26.00 13.71
N LEU D 11 -1.65 25.73 12.85
CA LEU D 11 -1.28 25.20 11.52
C LEU D 11 -0.69 26.30 10.64
N LEU D 12 -1.21 27.51 10.78
CA LEU D 12 -0.78 28.64 9.96
C LEU D 12 0.59 29.17 10.40
N GLY D 13 0.95 28.92 11.66
CA GLY D 13 2.23 29.37 12.17
C GLY D 13 3.38 28.64 11.51
N ILE D 14 3.17 27.36 11.18
CA ILE D 14 4.17 26.51 10.54
C ILE D 14 4.89 27.14 9.34
N TRP D 15 4.16 27.91 8.52
CA TRP D 15 4.76 28.52 7.34
C TRP D 15 5.56 29.77 7.71
N ASP E 1 -11.93 -24.46 21.68
CA ASP E 1 -10.92 -23.56 22.19
C ASP E 1 -10.84 -22.28 21.35
N VAL E 2 -9.88 -21.39 21.60
CA VAL E 2 -9.81 -20.22 20.74
C VAL E 2 -8.88 -20.75 19.68
N GLN E 3 -9.00 -20.33 18.44
CA GLN E 3 -8.03 -20.91 17.55
C GLN E 3 -7.54 -19.73 16.76
N LEU E 4 -6.33 -19.22 16.98
CA LEU E 4 -5.91 -18.08 16.15
C LEU E 4 -5.58 -18.44 14.71
N GLN E 5 -5.92 -17.52 13.80
CA GLN E 5 -5.80 -17.73 12.36
C GLN E 5 -5.27 -16.53 11.59
N GLU E 6 -4.05 -16.69 11.08
CA GLU E 6 -3.39 -15.70 10.24
C GLU E 6 -3.84 -15.93 8.79
N SER E 7 -3.71 -14.90 7.95
CA SER E 7 -4.13 -15.01 6.56
C SER E 7 -3.63 -13.80 5.77
N GLY E 8 -3.50 -13.94 4.46
CA GLY E 8 -3.09 -12.81 3.65
C GLY E 8 -1.67 -12.85 3.12
N GLY E 9 -0.97 -13.95 3.36
CA GLY E 9 0.40 -14.09 2.90
C GLY E 9 0.56 -14.39 1.41
N GLY E 10 1.71 -14.93 1.05
CA GLY E 10 1.97 -15.36 -0.32
C GLY E 10 3.16 -14.69 -0.99
N LEU E 11 3.20 -14.82 -2.32
CA LEU E 11 4.31 -14.36 -3.14
C LEU E 11 4.12 -12.93 -3.64
N VAL E 12 5.22 -12.19 -3.76
CA VAL E 12 5.15 -10.79 -4.18
C VAL E 12 6.54 -10.35 -4.66
N GLN E 13 6.60 -9.41 -5.58
CA GLN E 13 7.89 -8.91 -6.06
C GLN E 13 8.38 -7.85 -5.09
N PRO E 14 9.71 -7.59 -5.08
CA PRO E 14 10.28 -6.51 -4.27
C PRO E 14 9.65 -5.16 -4.57
N GLY E 15 9.28 -4.43 -3.52
CA GLY E 15 8.57 -3.19 -3.68
C GLY E 15 7.07 -3.40 -3.62
N GLY E 16 6.65 -4.67 -3.61
CA GLY E 16 5.24 -5.00 -3.62
C GLY E 16 4.59 -4.74 -2.28
N SER E 17 3.39 -5.29 -2.09
CA SER E 17 2.62 -5.03 -0.87
C SER E 17 1.73 -6.19 -0.47
N LEU E 18 1.55 -6.35 0.85
CA LEU E 18 0.69 -7.40 1.38
C LEU E 18 -0.04 -6.91 2.63
N ARG E 19 -1.14 -7.56 2.97
CA ARG E 19 -1.88 -7.24 4.19
C ARG E 19 -2.22 -8.52 4.94
N LEU E 20 -1.55 -8.71 6.08
CA LEU E 20 -1.82 -9.87 6.92
C LEU E 20 -2.91 -9.59 7.94
N SER E 21 -3.75 -10.60 8.16
CA SER E 21 -4.83 -10.54 9.14
C SER E 21 -4.65 -11.65 10.15
N CYS E 22 -5.17 -11.41 11.35
CA CYS E 22 -5.10 -12.37 12.44
C CYS E 22 -6.37 -12.26 13.25
N ALA E 23 -7.02 -13.40 13.49
CA ALA E 23 -8.29 -13.37 14.17
C ALA E 23 -8.63 -14.68 14.87
N ALA E 24 -9.52 -14.60 15.85
CA ALA E 24 -10.01 -15.78 16.53
C ALA E 24 -11.08 -16.45 15.68
N SER E 25 -10.87 -17.72 15.38
CA SER E 25 -11.83 -18.47 14.57
C SER E 25 -13.23 -18.43 15.16
N GLY E 26 -14.17 -17.83 14.43
CA GLY E 26 -15.54 -17.73 14.88
C GLY E 26 -15.83 -16.50 15.71
N ASN E 27 -14.83 -15.62 15.84
CA ASN E 27 -14.96 -14.38 16.59
C ASN E 27 -15.43 -14.61 18.03
N ILE E 28 -15.16 -15.80 18.55
CA ILE E 28 -15.61 -16.18 19.89
C ILE E 28 -14.88 -15.45 21.00
N VAL E 29 -13.96 -14.56 20.62
CA VAL E 29 -13.07 -13.91 21.59
C VAL E 29 -12.45 -12.64 21.00
N SER E 30 -12.36 -11.59 21.81
CA SER E 30 -11.81 -10.31 21.38
C SER E 30 -10.31 -10.25 21.64
N ILE E 31 -9.61 -9.49 20.80
CA ILE E 31 -8.17 -9.31 20.91
C ILE E 31 -7.87 -7.83 21.20
N ASP E 32 -7.56 -7.53 22.45
CA ASP E 32 -7.38 -6.15 22.89
C ASP E 32 -5.95 -5.66 22.75
N ALA E 33 -5.03 -6.59 22.48
CA ALA E 33 -3.63 -6.26 22.32
C ALA E 33 -2.91 -7.47 21.73
N ALA E 34 -1.89 -7.21 20.91
CA ALA E 34 -1.22 -8.32 20.21
C ALA E 34 0.06 -7.89 19.53
N GLY E 35 0.77 -8.87 18.98
CA GLY E 35 1.98 -8.57 18.24
C GLY E 35 2.29 -9.56 17.13
N TRP E 36 3.12 -9.13 16.19
CA TRP E 36 3.53 -9.99 15.07
C TRP E 36 5.01 -10.34 15.18
N PHE E 37 5.28 -11.64 15.05
CA PHE E 37 6.63 -12.21 14.95
C PHE E 37 6.91 -12.75 13.55
N ARG E 38 8.19 -12.92 13.19
CA ARG E 38 8.50 -13.66 11.96
C ARG E 38 9.69 -14.60 12.16
N GLN E 39 9.69 -15.69 11.40
CA GLN E 39 10.72 -16.72 11.52
C GLN E 39 11.20 -17.20 10.15
N ALA E 40 12.46 -16.88 9.84
CA ALA E 40 13.15 -17.35 8.65
C ALA E 40 13.48 -18.85 8.75
N PRO E 41 13.84 -19.50 7.62
CA PRO E 41 14.06 -20.96 7.63
C PRO E 41 15.05 -21.46 8.68
N GLY E 42 16.23 -20.85 8.73
CA GLY E 42 17.30 -21.28 9.62
C GLY E 42 17.74 -20.24 10.64
N LYS E 43 16.92 -19.21 10.82
CA LYS E 43 17.26 -18.13 11.74
C LYS E 43 16.38 -18.11 12.98
N GLN E 44 16.59 -17.10 13.82
CA GLN E 44 15.89 -16.99 15.08
C GLN E 44 14.59 -16.22 14.93
N ARG E 45 13.55 -16.65 15.64
CA ARG E 45 12.29 -15.93 15.66
C ARG E 45 12.53 -14.53 16.23
N GLU E 46 11.94 -13.52 15.60
CA GLU E 46 12.16 -12.15 16.01
C GLU E 46 10.85 -11.39 16.03
N PRO E 47 10.74 -10.37 16.89
CA PRO E 47 9.55 -9.52 16.88
C PRO E 47 9.48 -8.60 15.68
N VAL E 48 8.27 -8.26 15.26
CA VAL E 48 8.08 -7.42 14.09
C VAL E 48 7.29 -6.19 14.53
N ALA E 49 6.17 -6.42 15.20
CA ALA E 49 5.37 -5.28 15.64
C ALA E 49 4.50 -5.58 16.85
N THR E 50 3.95 -4.53 17.46
CA THR E 50 3.19 -4.67 18.70
C THR E 50 2.19 -3.53 18.79
N ILE E 51 1.03 -3.85 19.36
CA ILE E 51 -0.01 -2.88 19.66
C ILE E 51 -0.66 -3.22 20.99
N LEU E 52 -0.65 -2.24 21.89
CA LEU E 52 -1.13 -2.40 23.25
C LEU E 52 -2.62 -2.14 23.36
N THR E 53 -3.14 -2.22 24.59
CA THR E 53 -4.55 -1.98 24.84
C THR E 53 -4.92 -0.52 24.58
N GLY E 54 -3.98 0.37 24.86
CA GLY E 54 -4.19 1.79 24.66
C GLY E 54 -4.16 2.19 23.20
N GLY E 55 -3.50 1.39 22.38
CA GLY E 55 -3.36 1.68 20.97
C GLY E 55 -1.92 1.95 20.57
N ALA E 56 -1.06 2.08 21.58
CA ALA E 56 0.34 2.40 21.33
C ALA E 56 1.02 1.30 20.52
N THR E 57 1.82 1.70 19.55
CA THR E 57 2.45 0.73 18.65
C THR E 57 3.96 0.84 18.61
N ASN E 58 4.63 -0.30 18.60
CA ASN E 58 6.08 -0.31 18.44
C ASN E 58 6.54 -1.31 17.37
N TYR E 59 7.62 -0.97 16.66
CA TYR E 59 8.10 -1.83 15.59
C TYR E 59 9.60 -2.11 15.71
N ALA E 60 10.06 -3.20 15.10
CA ALA E 60 11.49 -3.47 14.98
C ALA E 60 12.12 -2.42 14.06
N ASP E 61 13.43 -2.22 14.18
CA ASP E 61 14.12 -1.16 13.44
C ASP E 61 14.16 -1.42 11.93
N SER E 62 14.13 -2.70 11.55
CA SER E 62 14.28 -3.09 10.15
C SER E 62 12.95 -3.04 9.40
N VAL E 63 11.88 -2.66 10.08
CA VAL E 63 10.55 -2.62 9.49
C VAL E 63 9.86 -1.28 9.76
N LYS E 64 10.46 -0.42 10.58
CA LYS E 64 9.84 0.88 10.93
C LYS E 64 9.75 1.77 9.73
N GLY E 65 8.60 2.41 9.55
CA GLY E 65 8.36 3.19 8.35
C GLY E 65 7.68 2.46 7.21
N ARG E 66 7.86 1.15 7.19
CA ARG E 66 7.35 0.30 6.13
C ARG E 66 6.11 -0.49 6.53
N PHE E 67 6.14 -1.05 7.73
CA PHE E 67 5.01 -1.84 8.20
C PHE E 67 4.10 -1.01 9.11
N THR E 68 2.84 -1.42 9.19
CA THR E 68 1.87 -0.78 10.07
C THR E 68 0.95 -1.80 10.74
N ILE E 69 0.91 -1.79 12.08
CA ILE E 69 -0.01 -2.68 12.80
C ILE E 69 -1.27 -1.92 13.23
N SER E 70 -2.41 -2.61 13.26
CA SER E 70 -3.68 -1.92 13.59
C SER E 70 -4.82 -2.90 13.88
N ARG E 71 -5.95 -2.41 14.37
CA ARG E 71 -7.07 -3.32 14.61
C ARG E 71 -8.42 -2.69 14.30
N ASP E 72 -9.33 -3.48 13.72
CA ASP E 72 -10.70 -3.04 13.47
C ASP E 72 -11.40 -2.58 14.77
N ASN E 73 -12.37 -1.70 14.65
CA ASN E 73 -13.18 -1.14 15.74
C ASN E 73 -14.01 -2.17 16.56
N ALA E 74 -14.37 -3.24 15.86
CA ALA E 74 -15.16 -4.42 16.33
C ALA E 74 -14.48 -5.36 17.37
N LYS E 75 -13.17 -5.18 17.49
CA LYS E 75 -12.14 -5.85 18.37
C LYS E 75 -11.72 -7.33 18.19
N ASN E 76 -12.05 -7.92 17.04
CA ASN E 76 -11.66 -9.31 16.72
C ASN E 76 -10.43 -9.54 15.74
N THR E 77 -10.18 -8.63 14.80
CA THR E 77 -9.08 -8.87 13.88
C THR E 77 -8.03 -7.81 14.05
N VAL E 78 -6.80 -8.24 13.93
CA VAL E 78 -5.60 -7.38 13.86
C VAL E 78 -4.88 -7.50 12.55
N TYR E 79 -4.41 -6.36 12.05
CA TYR E 79 -3.75 -6.29 10.75
C TYR E 79 -2.28 -5.92 10.84
N LEU E 80 -1.54 -6.44 9.86
CA LEU E 80 -0.17 -6.04 9.56
C LEU E 80 -0.06 -5.64 8.10
N GLN E 81 -0.07 -4.33 7.88
CA GLN E 81 0.12 -3.75 6.55
C GLN E 81 1.61 -3.74 6.20
N MET E 82 1.93 -4.32 5.05
CA MET E 82 3.32 -4.44 4.63
C MET E 82 3.55 -3.78 3.27
N ASN E 83 4.24 -2.64 3.31
CA ASN E 83 4.59 -1.88 2.12
C ASN E 83 6.10 -1.92 1.92
N SER E 84 6.53 -1.74 0.67
CA SER E 84 7.94 -1.75 0.30
C SER E 84 8.66 -3.03 0.71
N LEU E 85 8.07 -4.18 0.38
CA LEU E 85 8.71 -5.45 0.68
C LEU E 85 10.08 -5.55 0.03
N LYS E 86 10.97 -6.27 0.68
CA LYS E 86 12.27 -6.60 0.13
C LYS E 86 12.62 -8.00 0.59
N PRO E 87 13.57 -8.66 -0.09
CA PRO E 87 13.72 -10.09 0.19
C PRO E 87 14.11 -10.40 1.65
N GLU E 88 14.57 -9.43 2.43
CA GLU E 88 14.87 -9.74 3.85
C GLU E 88 13.55 -10.01 4.59
N ASP E 89 12.41 -9.61 4.01
CA ASP E 89 11.13 -9.80 4.70
C ASP E 89 10.53 -11.21 4.53
N THR E 90 11.16 -12.04 3.71
CA THR E 90 10.70 -13.40 3.50
C THR E 90 10.78 -14.23 4.78
N ALA E 91 9.62 -14.72 5.24
CA ALA E 91 9.57 -15.47 6.51
C ALA E 91 8.20 -16.06 6.76
N VAL E 92 8.08 -16.86 7.83
CA VAL E 92 6.77 -17.26 8.29
C VAL E 92 6.35 -16.33 9.41
N TYR E 93 5.19 -15.68 9.25
CA TYR E 93 4.75 -14.67 10.19
C TYR E 93 3.71 -15.23 11.15
N TYR E 94 3.94 -15.00 12.44
CA TYR E 94 3.08 -15.50 13.50
C TYR E 94 2.38 -14.38 14.28
N CYS E 95 1.21 -14.72 14.81
CA CYS E 95 0.40 -13.80 15.61
C CYS E 95 0.37 -14.18 17.09
N TYR E 96 0.61 -13.22 17.96
CA TYR E 96 0.67 -13.49 19.39
C TYR E 96 -0.35 -12.64 20.13
N ALA E 97 -1.23 -13.31 20.87
CA ALA E 97 -2.29 -12.66 21.63
C ALA E 97 -2.21 -13.09 23.09
N PRO E 98 -1.70 -12.21 23.95
CA PRO E 98 -1.50 -12.54 25.37
C PRO E 98 -2.74 -12.47 26.24
N MET E 99 -2.77 -13.35 27.25
CA MET E 99 -3.75 -13.32 28.34
C MET E 99 -5.22 -13.23 27.89
N ILE E 100 -5.63 -14.21 27.08
CA ILE E 100 -7.01 -14.37 26.66
C ILE E 100 -7.76 -15.30 27.60
N TYR E 101 -8.90 -14.84 28.11
CA TYR E 101 -9.71 -15.66 29.00
C TYR E 101 -10.60 -16.59 28.20
N TYR E 102 -10.55 -17.88 28.56
CA TYR E 102 -11.41 -18.87 27.95
C TYR E 102 -11.44 -20.13 28.82
N GLY E 103 -12.64 -20.63 29.05
CA GLY E 103 -12.84 -21.86 29.79
C GLY E 103 -12.17 -21.84 31.14
N GLY E 104 -12.43 -20.79 31.92
CA GLY E 104 -11.94 -20.76 33.27
C GLY E 104 -10.51 -20.28 33.41
N ARG E 105 -9.84 -19.97 32.30
CA ARG E 105 -8.43 -19.59 32.42
C ARG E 105 -7.90 -18.58 31.41
N TYR E 106 -7.05 -17.68 31.90
CA TYR E 106 -6.25 -16.81 31.02
C TYR E 106 -5.15 -17.63 30.37
N SER E 107 -4.75 -17.23 29.17
CA SER E 107 -3.70 -17.95 28.45
C SER E 107 -3.17 -17.15 27.27
N ASP E 108 -1.89 -17.34 26.95
CA ASP E 108 -1.33 -16.77 25.73
C ASP E 108 -1.64 -17.69 24.57
N TYR E 109 -1.87 -17.11 23.39
CA TYR E 109 -2.20 -17.93 22.23
C TYR E 109 -1.40 -17.54 21.01
N TRP E 110 -1.05 -18.54 20.21
CA TRP E 110 -0.30 -18.36 18.99
C TRP E 110 -1.10 -18.90 17.80
N GLY E 111 -0.97 -18.25 16.65
CA GLY E 111 -1.48 -18.81 15.41
C GLY E 111 -0.39 -19.69 14.82
N GLN E 112 -0.76 -20.62 13.94
CA GLN E 112 0.23 -21.56 13.40
C GLN E 112 1.06 -20.88 12.30
N GLY E 113 0.64 -19.71 11.84
CA GLY E 113 1.46 -18.95 10.91
C GLY E 113 1.02 -18.76 9.47
N THR E 114 1.66 -17.82 8.78
CA THR E 114 1.40 -17.59 7.36
C THR E 114 2.69 -17.22 6.60
N GLN E 115 2.87 -17.85 5.44
CA GLN E 115 4.09 -17.68 4.64
C GLN E 115 4.11 -16.36 3.89
N VAL E 116 5.29 -15.70 3.88
CA VAL E 116 5.50 -14.51 3.06
C VAL E 116 6.79 -14.63 2.26
N THR E 117 6.69 -14.48 0.93
CA THR E 117 7.86 -14.60 0.05
C THR E 117 8.02 -13.39 -0.88
N VAL E 118 9.25 -12.87 -0.94
CA VAL E 118 9.61 -11.72 -1.77
C VAL E 118 10.76 -12.00 -2.76
N SER E 119 10.42 -12.22 -4.02
CA SER E 119 11.41 -12.60 -5.03
C SER E 119 11.59 -11.49 -6.07
N ALA F 1 -8.08 -3.66 34.31
CA ALA F 1 -7.19 -2.57 34.69
C ALA F 1 -5.79 -3.10 34.99
N VAL F 2 -5.70 -4.05 35.90
CA VAL F 2 -4.45 -4.73 36.21
C VAL F 2 -4.11 -5.71 35.08
N GLU F 3 -5.16 -6.31 34.55
CA GLU F 3 -5.07 -7.25 33.44
C GLU F 3 -4.51 -6.55 32.20
N ARG F 4 -4.92 -5.30 32.02
CA ARG F 4 -4.44 -4.47 30.93
C ARG F 4 -2.93 -4.30 31.05
N TYR F 5 -2.50 -3.93 32.26
CA TYR F 5 -1.09 -3.78 32.57
C TYR F 5 -0.32 -5.05 32.24
N LEU F 6 -0.85 -6.18 32.67
CA LEU F 6 -0.20 -7.46 32.41
C LEU F 6 -0.03 -7.72 30.91
N LYS F 7 -1.11 -7.59 30.14
CA LYS F 7 -1.04 -7.76 28.69
C LYS F 7 0.04 -6.89 28.06
N ASP F 8 -0.01 -5.59 28.36
CA ASP F 8 0.96 -4.65 27.80
C ASP F 8 2.38 -5.04 28.21
N GLN F 9 2.56 -5.52 29.43
CA GLN F 9 3.90 -5.85 29.89
C GLN F 9 4.41 -7.10 29.18
N GLN F 10 3.51 -8.02 28.87
CA GLN F 10 3.89 -9.18 28.07
C GLN F 10 4.39 -8.72 26.70
N LEU F 11 3.70 -7.74 26.12
CA LEU F 11 4.09 -7.28 24.78
C LEU F 11 5.37 -6.42 24.77
N LEU F 12 5.55 -5.60 25.79
CA LEU F 12 6.69 -4.68 25.88
C LEU F 12 7.99 -5.40 26.27
N GLY F 13 7.86 -6.55 26.92
CA GLY F 13 9.03 -7.31 27.34
C GLY F 13 9.79 -7.92 26.17
N ILE F 14 9.05 -8.31 25.13
CA ILE F 14 9.61 -8.90 23.93
C ILE F 14 10.83 -8.15 23.38
N TRP F 15 10.78 -6.81 23.45
CA TRP F 15 11.85 -5.97 22.94
C TRP F 15 13.03 -5.93 23.91
#